data_1E3G
#
_entry.id   1E3G
#
_cell.length_a   54.280
_cell.length_b   66.140
_cell.length_c   71.720
_cell.angle_alpha   90.00
_cell.angle_beta   90.00
_cell.angle_gamma   90.00
#
_symmetry.space_group_name_H-M   'P 21 21 21'
#
loop_
_entity.id
_entity.type
_entity.pdbx_description
1 polymer 'ANDROGEN RECEPTOR'
2 non-polymer (17BETA)-17-HYDROXY-17-METHYLESTRA-4,9,11-TRIEN-3-ONE
3 water water
#
_entity_poly.entity_id   1
_entity_poly.type   'polypeptide(L)'
_entity_poly.pdbx_seq_one_letter_code
;QKLTVSHIEGYECQPIFLNVLEAIEPGVVCAGHDNNQPDSFAALLSSLNELGERQLVHVVKWAKALPGFRNLHVDDQMAV
IQYSWMGLMVFAMGWRSFTNVNSRMLYFAPDLVFNEYRMHKSRMYSQCVRMRHLSQEFGWLQITPQEFLCMKALLLFSII
PVDGLKNQKFFDELRMNYIKELDRIIACKRKNPTSCSRRFYQLTKLLDSVQPIARELHQFTFDLLIKSHMVSVDFPEMMA
EIISVQVPKILSGKVKPIYFHTQ
;
_entity_poly.pdbx_strand_id   A
#
loop_
_chem_comp.id
_chem_comp.type
_chem_comp.name
_chem_comp.formula
R18 non-polymer (17BETA)-17-HYDROXY-17-METHYLESTRA-4,9,11-TRIEN-3-ONE 'C19 H24 O2'
#
# COMPACT_ATOMS: atom_id res chain seq x y z
N CYS A 13 -12.55 -23.43 -9.15
CA CYS A 13 -11.14 -23.26 -8.67
C CYS A 13 -10.12 -22.95 -9.80
N GLN A 14 -10.59 -22.31 -10.87
CA GLN A 14 -9.73 -21.96 -12.03
C GLN A 14 -8.96 -20.64 -11.84
N PRO A 15 -7.68 -20.59 -12.28
CA PRO A 15 -6.83 -19.40 -12.15
C PRO A 15 -7.10 -18.12 -12.97
N ILE A 16 -8.32 -17.87 -13.46
CA ILE A 16 -8.53 -16.64 -14.26
C ILE A 16 -8.27 -15.30 -13.58
N PHE A 17 -8.73 -15.17 -12.32
CA PHE A 17 -8.55 -13.94 -11.55
C PHE A 17 -7.07 -13.71 -11.26
N LEU A 18 -6.42 -14.78 -10.81
CA LEU A 18 -5.00 -14.74 -10.51
C LEU A 18 -4.13 -14.35 -11.71
N ASN A 19 -4.51 -14.81 -12.90
CA ASN A 19 -3.75 -14.51 -14.14
C ASN A 19 -3.77 -13.03 -14.38
N VAL A 20 -4.93 -12.45 -14.10
CA VAL A 20 -5.11 -11.02 -14.26
C VAL A 20 -4.23 -10.27 -13.26
N LEU A 21 -4.30 -10.61 -11.98
CA LEU A 21 -3.48 -9.88 -11.02
C LEU A 21 -1.99 -9.98 -11.30
N GLU A 22 -1.52 -11.17 -11.70
CA GLU A 22 -0.11 -11.39 -12.00
C GLU A 22 0.24 -10.72 -13.32
N ALA A 23 -0.75 -10.68 -14.21
CA ALA A 23 -0.55 -10.03 -15.48
C ALA A 23 -0.41 -8.52 -15.33
N ILE A 24 -1.14 -7.93 -14.38
CA ILE A 24 -1.09 -6.47 -14.17
C ILE A 24 -0.10 -5.95 -13.14
N GLU A 25 0.42 -6.84 -12.31
CA GLU A 25 1.39 -6.47 -11.29
C GLU A 25 2.44 -5.59 -11.91
N PRO A 26 2.61 -4.38 -11.35
CA PRO A 26 3.59 -3.39 -11.84
C PRO A 26 5.06 -3.89 -11.77
N GLY A 27 5.90 -3.31 -12.62
CA GLY A 27 7.30 -3.72 -12.65
C GLY A 27 8.22 -3.01 -11.67
N VAL A 28 9.53 -3.12 -11.89
CA VAL A 28 10.52 -2.49 -11.01
C VAL A 28 10.61 -1.00 -11.30
N VAL A 29 10.25 -0.18 -10.32
CA VAL A 29 10.28 1.26 -10.51
C VAL A 29 11.43 1.89 -9.74
N CYS A 30 12.39 2.48 -10.45
CA CYS A 30 13.57 3.11 -9.81
C CYS A 30 13.32 4.55 -9.28
N ALA A 31 13.76 4.83 -8.06
CA ALA A 31 13.56 6.16 -7.43
C ALA A 31 14.41 7.22 -8.07
N GLY A 32 15.61 6.83 -8.49
CA GLY A 32 16.52 7.79 -9.10
C GLY A 32 17.21 8.51 -7.97
N HIS A 33 17.91 7.74 -7.14
CA HIS A 33 18.60 8.31 -6.00
C HIS A 33 20.11 8.13 -6.16
N ASP A 34 20.87 9.18 -5.85
CA ASP A 34 22.33 9.14 -5.92
C ASP A 34 22.95 8.38 -4.75
N ASN A 35 23.26 7.11 -4.98
CA ASN A 35 23.88 6.25 -3.97
C ASN A 35 25.39 6.44 -3.90
N ASN A 36 25.89 7.54 -4.46
CA ASN A 36 27.32 7.81 -4.44
C ASN A 36 27.55 9.13 -3.71
N GLN A 37 26.47 9.75 -3.21
CA GLN A 37 26.53 10.99 -2.43
C GLN A 37 26.24 10.66 -0.96
N PRO A 38 26.96 11.29 -0.01
CA PRO A 38 26.77 11.03 1.43
C PRO A 38 25.34 11.29 1.86
N ASP A 39 24.80 10.34 2.64
CA ASP A 39 23.42 10.40 3.12
C ASP A 39 23.03 11.75 3.67
N SER A 40 21.74 11.99 3.67
CA SER A 40 21.19 13.24 4.15
C SER A 40 19.70 13.11 4.37
N PHE A 41 19.19 13.86 5.35
CA PHE A 41 17.78 13.86 5.67
C PHE A 41 16.88 14.38 4.54
N ALA A 42 17.25 15.49 3.91
CA ALA A 42 16.42 16.05 2.84
C ALA A 42 16.58 15.29 1.51
N ALA A 43 17.78 14.77 1.24
CA ALA A 43 18.01 14.04 0.01
C ALA A 43 17.32 12.68 0.06
N LEU A 44 17.25 12.08 1.24
CA LEU A 44 16.57 10.79 1.38
C LEU A 44 15.06 10.99 1.24
N LEU A 45 14.50 11.97 1.94
CA LEU A 45 13.06 12.23 1.87
C LEU A 45 12.54 12.75 0.52
N SER A 46 13.31 13.60 -0.17
CA SER A 46 12.95 14.12 -1.52
C SER A 46 12.91 12.98 -2.56
N SER A 47 13.86 12.05 -2.43
CA SER A 47 13.91 10.88 -3.29
C SER A 47 12.69 10.02 -3.01
N LEU A 48 12.36 9.80 -1.73
CA LEU A 48 11.18 9.02 -1.39
C LEU A 48 9.93 9.60 -2.00
N ASN A 49 9.86 10.94 -2.08
CA ASN A 49 8.74 11.67 -2.67
C ASN A 49 8.72 11.53 -4.18
N GLU A 50 9.89 11.54 -4.80
CA GLU A 50 9.92 11.38 -6.23
C GLU A 50 9.52 9.92 -6.52
N LEU A 51 9.97 9.00 -5.67
CA LEU A 51 9.63 7.58 -5.82
C LEU A 51 8.12 7.45 -5.65
N GLY A 52 7.56 8.15 -4.65
CA GLY A 52 6.14 8.12 -4.42
C GLY A 52 5.42 8.53 -5.69
N GLU A 53 5.73 9.71 -6.18
CA GLU A 53 5.12 10.21 -7.43
C GLU A 53 5.11 9.16 -8.54
N ARG A 54 6.27 8.62 -8.91
CA ARG A 54 6.29 7.61 -9.96
C ARG A 54 5.53 6.32 -9.69
N GLN A 55 5.45 5.90 -8.42
CA GLN A 55 4.72 4.69 -8.09
C GLN A 55 3.24 4.92 -8.12
N LEU A 56 2.85 6.19 -8.08
CA LEU A 56 1.43 6.59 -8.15
C LEU A 56 0.94 6.37 -9.57
N VAL A 57 1.74 6.79 -10.53
CA VAL A 57 1.43 6.60 -11.93
C VAL A 57 1.08 5.12 -12.16
N HIS A 58 1.95 4.24 -11.66
CA HIS A 58 1.78 2.78 -11.80
C HIS A 58 0.53 2.27 -11.15
N VAL A 59 0.26 2.79 -9.97
CA VAL A 59 -0.92 2.43 -9.22
C VAL A 59 -2.15 2.87 -9.99
N VAL A 60 -2.07 4.06 -10.59
CA VAL A 60 -3.17 4.56 -11.38
C VAL A 60 -3.44 3.54 -12.50
N LYS A 61 -2.42 3.25 -13.28
CA LYS A 61 -2.54 2.31 -14.39
C LYS A 61 -2.86 0.89 -13.92
N TRP A 62 -2.26 0.46 -12.81
CA TRP A 62 -2.51 -0.90 -12.30
C TRP A 62 -3.97 -1.11 -11.93
N ALA A 63 -4.50 -0.14 -11.18
CA ALA A 63 -5.90 -0.14 -10.71
C ALA A 63 -6.97 -0.12 -11.80
N LYS A 64 -6.79 0.77 -12.81
CA LYS A 64 -7.73 0.90 -13.94
C LYS A 64 -7.88 -0.39 -14.76
N ALA A 65 -7.00 -1.36 -14.53
CA ALA A 65 -7.04 -2.63 -15.23
C ALA A 65 -7.59 -3.75 -14.36
N LEU A 66 -8.07 -3.41 -13.17
CA LEU A 66 -8.61 -4.40 -12.25
C LEU A 66 -10.01 -4.87 -12.64
N PRO A 67 -10.29 -6.16 -12.46
CA PRO A 67 -11.59 -6.75 -12.78
C PRO A 67 -12.71 -6.03 -12.06
N GLY A 68 -13.49 -5.27 -12.81
CA GLY A 68 -14.60 -4.58 -12.18
C GLY A 68 -14.32 -3.13 -11.90
N PHE A 69 -13.05 -2.79 -11.70
CA PHE A 69 -12.73 -1.42 -11.36
C PHE A 69 -13.33 -0.33 -12.21
N ARG A 70 -13.25 -0.49 -13.54
CA ARG A 70 -13.76 0.52 -14.47
C ARG A 70 -15.28 0.68 -14.54
N ASN A 71 -16.02 -0.08 -13.73
CA ASN A 71 -17.47 0.06 -13.69
C ASN A 71 -17.84 1.09 -12.60
N LEU A 72 -16.91 1.34 -11.67
CA LEU A 72 -17.10 2.31 -10.59
C LEU A 72 -17.16 3.72 -11.16
N HIS A 73 -17.82 4.62 -10.46
CA HIS A 73 -17.94 5.98 -10.95
C HIS A 73 -16.55 6.60 -11.06
N VAL A 74 -16.32 7.42 -12.07
CA VAL A 74 -15.02 8.03 -12.32
C VAL A 74 -14.36 8.67 -11.14
N ASP A 75 -15.12 9.48 -10.43
CA ASP A 75 -14.59 10.16 -9.26
C ASP A 75 -14.33 9.10 -8.22
N ASP A 76 -15.24 8.14 -8.05
CA ASP A 76 -15.01 7.07 -7.10
C ASP A 76 -13.77 6.30 -7.49
N GLN A 77 -13.49 6.22 -8.77
CA GLN A 77 -12.31 5.53 -9.24
C GLN A 77 -11.12 6.33 -8.75
N MET A 78 -11.15 7.63 -9.03
CA MET A 78 -10.09 8.54 -8.65
C MET A 78 -9.94 8.67 -7.13
N ALA A 79 -11.04 8.49 -6.40
CA ALA A 79 -11.05 8.60 -4.95
C ALA A 79 -10.39 7.41 -4.24
N VAL A 80 -10.92 6.18 -4.38
CA VAL A 80 -10.30 5.06 -3.70
C VAL A 80 -8.80 4.94 -3.98
N ILE A 81 -8.37 5.45 -5.13
CA ILE A 81 -6.96 5.44 -5.50
C ILE A 81 -6.20 6.38 -4.58
N GLN A 82 -6.58 7.65 -4.60
CA GLN A 82 -5.94 8.64 -3.75
C GLN A 82 -5.94 8.23 -2.26
N TYR A 83 -7.09 7.76 -1.75
CA TYR A 83 -7.18 7.36 -0.35
C TYR A 83 -6.38 6.13 -0.04
N SER A 84 -6.36 5.15 -0.92
CA SER A 84 -5.64 3.93 -0.60
C SER A 84 -4.18 3.83 -1.06
N TRP A 85 -3.71 4.81 -1.82
CA TRP A 85 -2.35 4.74 -2.33
C TRP A 85 -1.20 4.45 -1.36
N MET A 86 -1.23 5.08 -0.20
CA MET A 86 -0.19 4.89 0.82
C MET A 86 -0.12 3.45 1.27
N GLY A 87 -1.27 2.88 1.55
CA GLY A 87 -1.35 1.50 2.01
C GLY A 87 -0.92 0.49 0.98
N LEU A 88 -1.15 0.80 -0.30
CA LEU A 88 -0.75 -0.10 -1.37
C LEU A 88 0.75 -0.05 -1.43
N MET A 89 1.28 1.16 -1.39
CA MET A 89 2.72 1.37 -1.45
C MET A 89 3.49 0.70 -0.33
N VAL A 90 2.97 0.84 0.88
CA VAL A 90 3.55 0.25 2.07
C VAL A 90 3.49 -1.26 1.98
N PHE A 91 2.34 -1.75 1.55
CA PHE A 91 2.14 -3.18 1.43
C PHE A 91 3.07 -3.81 0.35
N ALA A 92 3.16 -3.17 -0.80
CA ALA A 92 3.99 -3.69 -1.86
C ALA A 92 5.44 -3.61 -1.40
N MET A 93 5.81 -2.45 -0.83
CA MET A 93 7.17 -2.22 -0.33
C MET A 93 7.57 -3.28 0.66
N GLY A 94 6.66 -3.62 1.55
CA GLY A 94 6.92 -4.66 2.52
C GLY A 94 7.14 -6.01 1.85
N TRP A 95 6.47 -6.23 0.72
CA TRP A 95 6.64 -7.49 0.02
C TRP A 95 8.03 -7.54 -0.63
N ARG A 96 8.44 -6.45 -1.28
CA ARG A 96 9.76 -6.39 -1.90
C ARG A 96 10.83 -6.56 -0.82
N SER A 97 10.58 -6.00 0.36
CA SER A 97 11.53 -6.14 1.43
C SER A 97 11.60 -7.54 1.95
N PHE A 98 10.56 -8.33 1.71
CA PHE A 98 10.57 -9.72 2.17
C PHE A 98 11.30 -10.65 1.19
N THR A 99 11.00 -10.50 -0.09
CA THR A 99 11.63 -11.33 -1.11
C THR A 99 13.02 -10.90 -1.55
N ASN A 100 13.42 -9.66 -1.23
CA ASN A 100 14.73 -9.14 -1.67
C ASN A 100 15.84 -8.98 -0.62
N VAL A 101 15.50 -8.57 0.60
CA VAL A 101 16.49 -8.37 1.68
C VAL A 101 16.11 -9.03 3.02
N ASN A 102 15.31 -10.09 2.94
CA ASN A 102 14.82 -10.84 4.11
C ASN A 102 14.39 -9.98 5.32
N SER A 103 13.59 -8.94 5.02
CA SER A 103 12.98 -7.99 5.96
C SER A 103 13.83 -7.11 6.85
N ARG A 104 15.14 -7.30 6.86
CA ARG A 104 15.98 -6.48 7.71
C ARG A 104 16.06 -5.03 7.22
N MET A 105 15.96 -4.82 5.90
CA MET A 105 16.00 -3.47 5.34
C MET A 105 14.73 -3.16 4.56
N LEU A 106 14.52 -1.89 4.24
CA LEU A 106 13.33 -1.50 3.50
C LEU A 106 13.67 -1.20 2.05
N TYR A 107 13.19 -2.09 1.17
CA TYR A 107 13.41 -2.03 -0.28
C TYR A 107 12.42 -1.15 -1.00
N PHE A 108 12.52 0.14 -0.74
CA PHE A 108 11.64 1.08 -1.40
C PHE A 108 11.82 0.97 -2.93
N ALA A 109 13.07 0.96 -3.38
CA ALA A 109 13.43 0.86 -4.80
C ALA A 109 14.80 0.18 -4.90
N PRO A 110 15.17 -0.36 -6.07
CA PRO A 110 16.48 -1.00 -6.15
C PRO A 110 17.61 -0.04 -5.80
N ASP A 111 17.43 1.24 -6.12
CA ASP A 111 18.43 2.25 -5.81
C ASP A 111 18.10 3.16 -4.59
N LEU A 112 17.17 2.70 -3.78
CA LEU A 112 16.77 3.44 -2.58
C LEU A 112 16.38 2.41 -1.53
N VAL A 113 17.38 1.83 -0.85
CA VAL A 113 17.09 0.85 0.20
C VAL A 113 17.52 1.44 1.53
N PHE A 114 16.68 1.26 2.55
CA PHE A 114 17.00 1.78 3.85
C PHE A 114 17.63 0.80 4.80
N ASN A 115 18.91 1.00 5.05
CA ASN A 115 19.59 0.19 6.03
C ASN A 115 19.20 0.95 7.31
N GLU A 116 19.59 0.45 8.48
CA GLU A 116 19.28 1.14 9.70
C GLU A 116 19.83 2.57 9.75
N TYR A 117 20.99 2.82 9.15
CA TYR A 117 21.52 4.18 9.18
C TYR A 117 20.55 5.15 8.49
N ARG A 118 20.02 4.78 7.33
CA ARG A 118 19.09 5.65 6.61
C ARG A 118 17.76 5.83 7.30
N MET A 119 17.21 4.76 7.87
CA MET A 119 15.94 4.84 8.62
C MET A 119 16.03 6.00 9.63
N HIS A 120 17.23 6.20 10.18
CA HIS A 120 17.51 7.24 11.14
C HIS A 120 17.91 8.57 10.51
N LYS A 121 18.76 8.54 9.49
CA LYS A 121 19.19 9.77 8.86
C LYS A 121 18.01 10.50 8.20
N SER A 122 17.01 9.74 7.76
CA SER A 122 15.83 10.30 7.09
C SER A 122 14.81 10.78 8.11
N ARG A 123 14.94 10.30 9.33
CA ARG A 123 14.06 10.64 10.45
C ARG A 123 12.65 10.04 10.42
N MET A 124 12.54 8.85 9.82
CA MET A 124 11.26 8.15 9.77
C MET A 124 11.50 6.85 10.50
N TYR A 125 12.54 6.83 11.31
CA TYR A 125 12.90 5.63 12.03
C TYR A 125 11.75 4.89 12.67
N SER A 126 10.85 5.58 13.37
CA SER A 126 9.71 4.87 14.02
C SER A 126 8.71 4.27 13.03
N GLN A 127 8.43 5.00 11.95
CA GLN A 127 7.51 4.47 10.97
C GLN A 127 8.21 3.31 10.30
N CYS A 128 9.48 3.53 9.96
CA CYS A 128 10.30 2.51 9.30
C CYS A 128 10.28 1.20 10.06
N VAL A 129 10.37 1.28 11.37
CA VAL A 129 10.35 0.09 12.18
C VAL A 129 9.00 -0.57 12.07
N ARG A 130 7.94 0.23 11.99
CA ARG A 130 6.57 -0.29 11.85
C ARG A 130 6.39 -1.04 10.52
N MET A 131 6.90 -0.44 9.45
CA MET A 131 6.82 -1.05 8.13
C MET A 131 7.63 -2.35 8.08
N ARG A 132 8.75 -2.37 8.81
CA ARG A 132 9.61 -3.54 8.84
C ARG A 132 8.90 -4.68 9.55
N HIS A 133 8.01 -4.35 10.50
CA HIS A 133 7.25 -5.38 11.21
C HIS A 133 6.44 -6.09 10.14
N LEU A 134 5.69 -5.27 9.38
CA LEU A 134 4.82 -5.73 8.28
C LEU A 134 5.60 -6.62 7.34
N SER A 135 6.74 -6.14 6.84
CA SER A 135 7.54 -6.96 5.95
C SER A 135 7.88 -8.25 6.66
N GLN A 136 8.10 -8.20 7.97
CA GLN A 136 8.39 -9.43 8.69
C GLN A 136 7.21 -10.39 8.87
N GLU A 137 5.98 -9.88 8.83
CA GLU A 137 4.82 -10.78 8.99
C GLU A 137 4.76 -11.73 7.80
N PHE A 138 5.04 -11.24 6.60
CA PHE A 138 4.98 -12.07 5.40
C PHE A 138 5.75 -13.33 5.65
N GLY A 139 6.90 -13.16 6.30
CA GLY A 139 7.76 -14.28 6.61
C GLY A 139 7.18 -15.23 7.65
N TRP A 140 6.73 -14.69 8.77
CA TRP A 140 6.18 -15.53 9.82
C TRP A 140 4.87 -16.19 9.38
N LEU A 141 4.11 -15.50 8.55
CA LEU A 141 2.84 -16.04 8.06
C LEU A 141 2.97 -16.99 6.87
N GLN A 142 4.09 -16.94 6.14
CA GLN A 142 4.28 -17.80 4.98
C GLN A 142 3.31 -17.46 3.85
N ILE A 143 3.13 -16.16 3.62
CA ILE A 143 2.23 -15.65 2.58
C ILE A 143 2.66 -16.13 1.17
N THR A 144 1.79 -16.87 0.50
CA THR A 144 2.06 -17.35 -0.85
C THR A 144 1.94 -16.13 -1.80
N PRO A 145 2.78 -16.05 -2.84
CA PRO A 145 2.72 -14.92 -3.79
C PRO A 145 1.33 -14.63 -4.37
N GLN A 146 0.44 -15.61 -4.24
CA GLN A 146 -0.94 -15.54 -4.69
C GLN A 146 -1.80 -14.83 -3.63
N GLU A 147 -1.60 -15.19 -2.35
CA GLU A 147 -2.34 -14.55 -1.28
C GLU A 147 -1.96 -13.09 -1.31
N PHE A 148 -0.68 -12.83 -1.55
CA PHE A 148 -0.23 -11.47 -1.63
C PHE A 148 -1.01 -10.65 -2.65
N LEU A 149 -1.00 -11.11 -3.90
CA LEU A 149 -1.65 -10.36 -4.97
C LEU A 149 -3.09 -10.11 -4.69
N CYS A 150 -3.77 -11.09 -4.14
CA CYS A 150 -5.19 -10.92 -3.85
C CYS A 150 -5.39 -9.82 -2.79
N MET A 151 -4.59 -9.89 -1.73
CA MET A 151 -4.63 -8.92 -0.66
C MET A 151 -4.30 -7.51 -1.18
N LYS A 152 -3.25 -7.37 -1.97
CA LYS A 152 -2.89 -6.06 -2.46
C LYS A 152 -4.06 -5.45 -3.20
N ALA A 153 -4.78 -6.27 -3.96
CA ALA A 153 -5.95 -5.77 -4.70
C ALA A 153 -7.07 -5.31 -3.75
N LEU A 154 -7.37 -6.14 -2.77
CA LEU A 154 -8.40 -5.87 -1.75
C LEU A 154 -8.14 -4.57 -0.99
N LEU A 155 -6.86 -4.25 -0.80
CA LEU A 155 -6.47 -3.02 -0.12
C LEU A 155 -7.04 -1.80 -0.80
N LEU A 156 -7.11 -1.84 -2.13
CA LEU A 156 -7.62 -0.72 -2.89
C LEU A 156 -9.01 -0.29 -2.44
N PHE A 157 -9.79 -1.28 -2.02
CA PHE A 157 -11.17 -1.11 -1.56
C PHE A 157 -11.24 -1.18 -0.07
N SER A 158 -10.23 -0.64 0.60
CA SER A 158 -10.19 -0.69 2.05
C SER A 158 -10.34 0.65 2.74
N ILE A 159 -10.44 1.73 2.00
CA ILE A 159 -10.53 3.01 2.65
C ILE A 159 -11.51 3.91 1.88
N ILE A 160 -12.65 4.24 2.50
CA ILE A 160 -13.73 5.07 1.90
C ILE A 160 -14.28 6.22 2.77
N PRO A 161 -14.82 7.30 2.14
CA PRO A 161 -15.36 8.43 2.88
C PRO A 161 -16.43 7.89 3.84
N VAL A 162 -16.77 8.64 4.89
CA VAL A 162 -17.78 8.16 5.86
C VAL A 162 -19.25 8.03 5.40
N ASP A 163 -19.70 8.80 4.40
CA ASP A 163 -21.06 8.62 3.87
C ASP A 163 -20.90 7.41 2.95
N GLY A 164 -20.22 7.67 1.85
CA GLY A 164 -19.96 6.62 0.90
C GLY A 164 -19.47 7.31 -0.33
N LEU A 165 -19.33 6.50 -1.37
CA LEU A 165 -18.90 6.97 -2.66
C LEU A 165 -20.17 7.38 -3.40
N LYS A 166 -20.03 8.15 -4.49
CA LYS A 166 -21.18 8.62 -5.25
C LYS A 166 -21.90 7.49 -6.00
N ASN A 167 -21.84 6.30 -5.39
CA ASN A 167 -22.46 5.07 -5.85
C ASN A 167 -21.82 3.92 -5.10
N GLN A 168 -22.08 3.91 -3.80
CA GLN A 168 -21.55 2.92 -2.88
C GLN A 168 -21.93 1.47 -3.25
N LYS A 169 -23.13 1.27 -3.78
CA LYS A 169 -23.64 -0.06 -4.15
C LYS A 169 -22.69 -0.98 -4.93
N PHE A 170 -22.14 -0.48 -6.04
CA PHE A 170 -21.21 -1.26 -6.87
C PHE A 170 -19.91 -1.53 -6.09
N PHE A 171 -19.32 -0.50 -5.46
CA PHE A 171 -18.08 -0.65 -4.66
C PHE A 171 -18.24 -1.83 -3.72
N ASP A 172 -19.39 -1.89 -3.05
CA ASP A 172 -19.68 -2.93 -2.10
C ASP A 172 -19.81 -4.28 -2.77
N GLU A 173 -20.20 -4.28 -4.04
CA GLU A 173 -20.32 -5.53 -4.77
C GLU A 173 -18.90 -5.93 -5.19
N LEU A 174 -18.12 -4.96 -5.66
CA LEU A 174 -16.72 -5.20 -6.04
C LEU A 174 -15.96 -5.75 -4.87
N ARG A 175 -16.06 -5.04 -3.74
CA ARG A 175 -15.39 -5.41 -2.51
C ARG A 175 -15.70 -6.86 -2.09
N MET A 176 -16.98 -7.23 -2.15
CA MET A 176 -17.40 -8.58 -1.77
C MET A 176 -16.80 -9.71 -2.62
N ASN A 177 -16.68 -9.47 -3.92
CA ASN A 177 -16.13 -10.47 -4.81
C ASN A 177 -14.64 -10.66 -4.59
N TYR A 178 -13.92 -9.57 -4.37
CA TYR A 178 -12.50 -9.66 -4.09
C TYR A 178 -12.28 -10.49 -2.83
N ILE A 179 -13.16 -10.35 -1.85
CA ILE A 179 -13.05 -11.12 -0.61
C ILE A 179 -13.16 -12.59 -0.98
N LYS A 180 -14.09 -12.88 -1.88
CA LYS A 180 -14.33 -14.24 -2.33
C LYS A 180 -13.09 -14.76 -3.04
N GLU A 181 -12.43 -13.93 -3.83
CA GLU A 181 -11.25 -14.40 -4.55
C GLU A 181 -10.17 -14.78 -3.57
N LEU A 182 -10.06 -13.98 -2.51
CA LEU A 182 -9.09 -14.22 -1.47
C LEU A 182 -9.40 -15.53 -0.79
N ASP A 183 -10.68 -15.79 -0.59
CA ASP A 183 -11.17 -17.01 0.03
C ASP A 183 -10.86 -18.22 -0.89
N ARG A 184 -10.99 -18.00 -2.20
CA ARG A 184 -10.74 -19.02 -3.22
C ARG A 184 -9.29 -19.45 -3.19
N ILE A 185 -8.39 -18.48 -3.30
CA ILE A 185 -6.95 -18.72 -3.29
C ILE A 185 -6.39 -19.36 -2.00
N ILE A 186 -7.23 -19.46 -0.96
CA ILE A 186 -6.84 -20.07 0.31
C ILE A 186 -7.21 -21.57 0.27
N ALA A 187 -8.48 -21.84 -0.11
CA ALA A 187 -9.07 -23.19 -0.20
C ALA A 187 -8.63 -23.98 -1.42
N CYS A 188 -7.87 -23.33 -2.28
CA CYS A 188 -7.40 -23.92 -3.53
C CYS A 188 -5.86 -24.26 -3.52
N LYS A 189 -5.34 -24.67 -2.36
CA LYS A 189 -3.92 -25.07 -2.19
C LYS A 189 -3.71 -26.29 -1.25
N ARG A 190 -3.72 -26.07 0.08
CA ARG A 190 -3.54 -27.18 1.03
C ARG A 190 -4.83 -27.65 1.80
N LYS A 191 -4.73 -27.72 3.15
CA LYS A 191 -5.79 -28.20 4.08
C LYS A 191 -7.19 -27.62 4.16
N ASN A 192 -8.05 -28.31 4.92
CA ASN A 192 -9.47 -27.99 5.21
C ASN A 192 -10.00 -28.99 6.31
N PRO A 193 -10.94 -28.58 7.20
CA PRO A 193 -11.70 -27.35 7.48
C PRO A 193 -11.12 -26.24 8.41
N THR A 194 -10.75 -26.57 9.65
CA THR A 194 -10.21 -25.55 10.58
C THR A 194 -8.95 -24.81 10.06
N SER A 195 -8.12 -25.52 9.29
CA SER A 195 -6.88 -24.98 8.71
C SER A 195 -7.05 -23.70 7.85
N CYS A 196 -8.03 -23.69 6.93
CA CYS A 196 -8.26 -22.51 6.09
C CYS A 196 -9.21 -21.44 6.72
N SER A 197 -10.06 -21.85 7.67
CA SER A 197 -10.99 -20.92 8.37
C SER A 197 -10.11 -19.95 9.18
N ARG A 198 -9.06 -20.51 9.79
CA ARG A 198 -8.09 -19.75 10.59
C ARG A 198 -7.07 -19.08 9.68
N ARG A 199 -6.75 -19.71 8.55
CA ARG A 199 -5.83 -19.12 7.60
C ARG A 199 -6.45 -17.82 7.05
N PHE A 200 -7.79 -17.76 7.00
CA PHE A 200 -8.50 -16.56 6.53
C PHE A 200 -8.47 -15.46 7.58
N TYR A 201 -8.71 -15.86 8.82
CA TYR A 201 -8.67 -14.96 9.95
C TYR A 201 -7.32 -14.25 9.91
N GLN A 202 -6.25 -15.05 9.83
CA GLN A 202 -4.87 -14.54 9.80
C GLN A 202 -4.58 -13.48 8.76
N LEU A 203 -5.08 -13.68 7.55
CA LEU A 203 -4.81 -12.73 6.50
C LEU A 203 -5.60 -11.46 6.64
N THR A 204 -6.85 -11.57 7.09
CA THR A 204 -7.68 -10.40 7.27
C THR A 204 -7.08 -9.53 8.38
N LYS A 205 -6.52 -10.19 9.41
CA LYS A 205 -5.86 -9.48 10.49
C LYS A 205 -4.64 -8.78 9.90
N LEU A 206 -3.90 -9.50 9.06
CA LEU A 206 -2.74 -8.95 8.39
C LEU A 206 -3.13 -7.72 7.57
N LEU A 207 -4.28 -7.79 6.89
CA LEU A 207 -4.79 -6.69 6.06
C LEU A 207 -5.06 -5.49 6.92
N ASP A 208 -5.65 -5.74 8.08
CA ASP A 208 -5.99 -4.72 9.06
C ASP A 208 -4.76 -3.94 9.62
N SER A 209 -3.62 -4.62 9.74
CA SER A 209 -2.33 -4.07 10.23
C SER A 209 -1.80 -2.92 9.37
N VAL A 210 -2.15 -2.96 8.09
CA VAL A 210 -1.69 -1.97 7.13
C VAL A 210 -2.27 -0.58 7.36
N GLN A 211 -3.51 -0.55 7.82
CA GLN A 211 -4.20 0.70 8.05
C GLN A 211 -3.57 1.65 9.11
N PRO A 212 -3.26 1.13 10.33
CA PRO A 212 -2.64 1.92 11.39
C PRO A 212 -1.34 2.48 10.85
N ILE A 213 -0.56 1.60 10.25
CA ILE A 213 0.71 1.96 9.66
C ILE A 213 0.55 3.04 8.59
N ALA A 214 -0.40 2.85 7.70
CA ALA A 214 -0.67 3.81 6.64
C ALA A 214 -1.10 5.14 7.26
N ARG A 215 -1.85 5.03 8.34
CA ARG A 215 -2.32 6.20 9.08
C ARG A 215 -1.11 7.03 9.52
N GLU A 216 -0.17 6.37 10.19
CA GLU A 216 1.07 7.00 10.66
C GLU A 216 1.86 7.66 9.54
N LEU A 217 1.93 7.00 8.39
CA LEU A 217 2.68 7.55 7.27
C LEU A 217 2.00 8.80 6.76
N HIS A 218 0.67 8.78 6.83
CA HIS A 218 -0.16 9.90 6.41
C HIS A 218 0.11 11.16 7.25
N GLN A 219 0.16 10.95 8.56
CA GLN A 219 0.42 12.01 9.55
C GLN A 219 1.77 12.62 9.19
N PHE A 220 2.78 11.76 9.15
CA PHE A 220 4.14 12.17 8.85
C PHE A 220 4.31 12.95 7.56
N THR A 221 3.77 12.42 6.47
CA THR A 221 3.94 13.09 5.19
C THR A 221 3.24 14.45 5.19
N PHE A 222 2.06 14.53 5.80
CA PHE A 222 1.32 15.79 5.87
C PHE A 222 2.19 16.83 6.59
N ASP A 223 2.74 16.41 7.73
CA ASP A 223 3.61 17.24 8.57
C ASP A 223 4.83 17.61 7.75
N LEU A 224 5.39 16.64 7.05
CA LEU A 224 6.54 16.87 6.21
C LEU A 224 6.18 17.89 5.12
N LEU A 225 4.94 17.88 4.64
CA LEU A 225 4.53 18.81 3.60
C LEU A 225 4.47 20.24 4.14
N ILE A 226 3.80 20.44 5.27
CA ILE A 226 3.71 21.79 5.80
C ILE A 226 5.12 22.32 6.16
N LYS A 227 6.00 21.44 6.64
CA LYS A 227 7.36 21.84 7.01
C LYS A 227 8.25 22.04 5.80
N SER A 228 7.98 21.27 4.74
CA SER A 228 8.77 21.24 3.50
C SER A 228 9.56 22.48 3.14
N HIS A 229 8.85 23.59 2.89
CA HIS A 229 9.43 24.88 2.53
C HIS A 229 10.72 25.19 3.30
N MET A 230 10.60 25.34 4.62
CA MET A 230 11.74 25.67 5.47
C MET A 230 12.77 24.54 5.76
N VAL A 231 12.49 23.31 5.34
CA VAL A 231 13.39 22.19 5.60
C VAL A 231 13.97 21.54 4.33
N SER A 232 13.77 22.22 3.21
CA SER A 232 14.23 21.87 1.85
C SER A 232 13.95 20.50 1.19
N VAL A 233 12.94 19.77 1.68
CA VAL A 233 12.53 18.48 1.11
C VAL A 233 11.59 18.85 -0.05
N ASP A 234 11.73 18.21 -1.22
CA ASP A 234 10.87 18.54 -2.38
C ASP A 234 9.69 17.55 -2.64
N PHE A 235 8.53 18.11 -2.98
CA PHE A 235 7.32 17.32 -3.23
C PHE A 235 6.82 17.51 -4.67
N PRO A 236 6.69 16.40 -5.44
CA PRO A 236 6.22 16.47 -6.81
C PRO A 236 4.79 16.97 -6.73
N GLU A 237 4.42 17.91 -7.57
CA GLU A 237 3.09 18.51 -7.54
C GLU A 237 1.87 17.62 -7.48
N MET A 238 1.86 16.52 -8.22
CA MET A 238 0.70 15.64 -8.20
C MET A 238 0.51 15.10 -6.80
N MET A 239 1.63 14.77 -6.19
CA MET A 239 1.64 14.22 -4.85
C MET A 239 1.40 15.33 -3.83
N ALA A 240 2.10 16.45 -3.97
CA ALA A 240 1.91 17.56 -3.05
C ALA A 240 0.41 17.80 -2.97
N GLU A 241 -0.24 17.80 -4.13
CA GLU A 241 -1.68 18.03 -4.20
C GLU A 241 -2.52 17.00 -3.46
N ILE A 242 -2.16 15.74 -3.57
CA ILE A 242 -2.93 14.71 -2.88
C ILE A 242 -2.69 14.84 -1.38
N ILE A 243 -1.49 15.19 -0.97
CA ILE A 243 -1.23 15.29 0.45
C ILE A 243 -2.02 16.42 1.08
N SER A 244 -2.18 17.51 0.33
CA SER A 244 -2.88 18.68 0.83
C SER A 244 -4.41 18.70 0.73
N VAL A 245 -5.00 17.74 0.05
CA VAL A 245 -6.44 17.77 -0.13
C VAL A 245 -7.15 16.50 0.29
N GLN A 246 -6.56 15.37 -0.06
CA GLN A 246 -7.17 14.09 0.24
C GLN A 246 -6.69 13.57 1.56
N VAL A 247 -5.42 13.83 1.90
CA VAL A 247 -4.90 13.35 3.18
C VAL A 247 -5.60 13.98 4.39
N PRO A 248 -5.84 15.31 4.38
CA PRO A 248 -6.52 15.92 5.53
C PRO A 248 -7.83 15.23 5.88
N LYS A 249 -8.56 14.77 4.88
CA LYS A 249 -9.82 14.07 5.12
C LYS A 249 -9.64 12.78 5.90
N ILE A 250 -8.48 12.16 5.79
CA ILE A 250 -8.22 10.87 6.47
C ILE A 250 -7.79 11.12 7.90
N LEU A 251 -6.93 12.12 8.07
CA LEU A 251 -6.41 12.51 9.39
C LEU A 251 -7.55 13.07 10.27
N SER A 252 -8.51 13.73 9.61
CA SER A 252 -9.65 14.29 10.30
C SER A 252 -10.80 13.30 10.48
N GLY A 253 -10.68 12.09 9.96
CA GLY A 253 -11.74 11.10 10.14
C GLY A 253 -12.92 11.15 9.18
N LYS A 254 -12.87 11.98 8.13
CA LYS A 254 -13.97 12.05 7.14
C LYS A 254 -13.96 10.89 6.10
N VAL A 255 -12.83 10.19 6.06
CA VAL A 255 -12.56 9.04 5.21
C VAL A 255 -11.95 8.03 6.17
N LYS A 256 -12.55 6.87 6.31
CA LYS A 256 -12.03 5.91 7.25
C LYS A 256 -11.84 4.54 6.63
N PRO A 257 -10.91 3.79 7.20
CA PRO A 257 -10.57 2.44 6.78
C PRO A 257 -11.72 1.51 7.12
N ILE A 258 -11.84 0.42 6.40
CA ILE A 258 -12.88 -0.56 6.64
C ILE A 258 -12.14 -1.77 7.15
N TYR A 259 -12.35 -2.10 8.41
CA TYR A 259 -11.67 -3.23 9.00
C TYR A 259 -12.50 -4.49 8.92
N PHE A 260 -11.82 -5.64 9.04
CA PHE A 260 -12.53 -6.90 9.02
C PHE A 260 -12.95 -7.20 10.44
N HIS A 261 -12.09 -6.86 11.40
CA HIS A 261 -12.37 -7.16 12.79
C HIS A 261 -12.58 -5.91 13.67
N THR A 262 -13.49 -5.05 13.27
CA THR A 262 -13.82 -3.82 14.02
C THR A 262 -14.73 -4.07 15.24
C1 R18 B . 7.57 5.21 -1.39
C2 R18 B . 6.93 3.98 -2.01
C3 R18 B . 7.03 2.82 -1.07
C4 R18 B . 6.51 3.09 0.24
C5 R18 B . 6.44 4.35 0.73
C6 R18 B . 5.82 4.58 2.10
C7 R18 B . 6.39 5.81 2.76
C8 R18 B . 6.14 7.03 1.85
C9 R18 B . 6.81 6.81 0.48
C10 R18 B . 6.92 5.54 -0.04
C11 R18 B . 7.23 8.01 -0.24
C12 R18 B . 7.10 9.26 0.25
C13 R18 B . 6.47 9.51 1.61
C14 R18 B . 6.69 8.28 2.48
C15 R18 B . 6.11 8.68 3.85
C16 R18 B . 6.39 10.18 3.88
C17 R18 B . 7.08 10.56 2.54
C18 R18 B . 4.97 9.81 1.37
C27 R18 B . 8.58 10.44 2.63
O83 R18 B . 7.45 1.70 -1.40
O97 R18 B . 6.72 11.91 2.23
#